data_4US0
#
_entry.id   4US0
#
_cell.length_a   149.217
_cell.length_b   149.217
_cell.length_c   201.038
_cell.angle_alpha   90.00
_cell.angle_beta   90.00
_cell.angle_gamma   90.00
#
_symmetry.space_group_name_H-M   'I 4 2 2'
#
loop_
_entity.id
_entity.type
_entity.pdbx_description
1 polymer 'GTPase HRas'
2 polymer 'Son of sevenless homolog 1'
3 non-polymer 1-ETHYL-PYRROLIDINE-2,5-DIONE
4 water water
#
loop_
_entity_poly.entity_id
_entity_poly.type
_entity_poly.pdbx_seq_one_letter_code
_entity_poly.pdbx_strand_id
1 'polypeptide(L)'
;MHHHHHHGGGENLYFQGSHMTEYKLVVVGAGGVGKSALTIQLIQNHFVDEYDPTIEDSYRKQVVIDGETCLLDILDTAGQ
EEYSAMRDQYMRTGEGFLCVFAINNTKSFEDIHQYREQIKRVKDSDDVPMVLVGNKCDLAARTVESRQAQDLARSYGIPY
IETSAKTRQGVEDAFYTLVREIRQH
;
R
2 'polypeptide(L)'
;MEEQMRLPSADVYRFAEPDSEENIIFEENMQPKAGIPIIKAGTVIKLIERLTYHMYADPNFVRTFLTTYRSFCKPQELLS
LIIERFEIPEPEPTEADRIAIENGDQPLSAELKRFRKEYIQPVQLRVLNVCRHWVEHHFYDFERDAYLLQRMEEFIGTVR
GKAMKKWVESITKIIQRKKIARDNGPGHNITFQSSPPTVEWHISRPGHIETFDLLTLHPIEIARQLTLLESDLYRAVQPS
ELVGSVWTKEDKEINSPNLLKMIRHTTNLTLWFEKCIVETENLEERVAVVSRIIEILQVFQELNNFNGVLEVVSAMNSSP
VYRLDHTFEQIPSRQKKILEEAHELSEDHYKKYLAKLRSINPPCVPFFGIYLTNILKTEEGNPEVLKRHGKELINFSKRR
KVAEITGEIQQYQNQPYCLRVESDIKRFFENLNPMGNSMEKEFTDYLFNKSLEIEPRNPKPLPRFPKKYSYPLKSPGVRP
SNPRPGT
;
S
#
# COMPACT_ATOMS: atom_id res chain seq x y z
N HIS A 19 30.87 1.23 18.11
CA HIS A 19 29.54 1.16 17.52
C HIS A 19 28.87 -0.16 17.94
N MET A 20 27.64 -0.08 18.52
CA MET A 20 26.92 -1.30 18.95
C MET A 20 26.46 -2.11 17.73
N THR A 21 26.35 -3.43 17.90
CA THR A 21 25.93 -4.30 16.81
C THR A 21 24.48 -4.00 16.39
N GLU A 22 24.24 -4.02 15.07
CA GLU A 22 22.91 -3.83 14.53
C GLU A 22 22.53 -5.12 13.85
N TYR A 23 21.31 -5.64 14.18
CA TYR A 23 20.76 -6.84 13.56
C TYR A 23 19.61 -6.46 12.62
N LYS A 24 19.68 -6.90 11.36
CA LYS A 24 18.66 -6.66 10.36
C LYS A 24 17.75 -7.89 10.30
N LEU A 25 16.58 -7.76 10.89
CA LEU A 25 15.60 -8.82 11.02
C LEU A 25 14.50 -8.61 10.00
N VAL A 26 14.00 -9.71 9.40
CA VAL A 26 12.93 -9.64 8.40
C VAL A 26 11.77 -10.51 8.86
N VAL A 27 10.57 -9.94 8.88
CA VAL A 27 9.34 -10.68 9.20
C VAL A 27 8.76 -11.18 7.90
N VAL A 28 8.48 -12.50 7.83
CA VAL A 28 7.87 -13.11 6.66
C VAL A 28 6.66 -13.95 7.09
N GLY A 29 5.61 -13.91 6.30
CA GLY A 29 4.44 -14.74 6.55
C GLY A 29 3.26 -14.32 5.74
N ALA A 30 2.19 -15.11 5.81
CA ALA A 30 0.95 -14.84 5.09
C ALA A 30 0.31 -13.51 5.51
N GLY A 31 -0.30 -12.86 4.53
CA GLY A 31 -1.07 -11.66 4.75
C GLY A 31 -2.48 -12.04 5.20
N GLY A 32 -3.23 -11.06 5.62
CA GLY A 32 -4.61 -11.22 6.02
C GLY A 32 -4.85 -11.80 7.39
N VAL A 33 -3.78 -12.02 8.21
CA VAL A 33 -3.94 -12.67 9.50
C VAL A 33 -3.25 -11.91 10.66
N GLY A 34 -3.11 -10.60 10.53
CA GLY A 34 -2.55 -9.75 11.58
C GLY A 34 -1.12 -9.94 12.00
N LYS A 35 -0.24 -10.38 11.09
CA LYS A 35 1.18 -10.56 11.43
C LYS A 35 1.89 -9.28 11.86
N SER A 36 1.42 -8.11 11.39
CA SER A 36 2.04 -6.82 11.74
C SER A 36 2.08 -6.55 13.25
N ALA A 37 1.19 -7.19 14.04
CA ALA A 37 1.11 -7.00 15.49
C ALA A 37 2.38 -7.40 16.22
N LEU A 38 3.13 -8.35 15.69
CA LEU A 38 4.38 -8.81 16.33
C LEU A 38 5.39 -7.66 16.49
N THR A 39 5.73 -7.02 15.37
CA THR A 39 6.73 -5.95 15.35
C THR A 39 6.17 -4.69 16.01
N ILE A 40 4.90 -4.37 15.72
CA ILE A 40 4.30 -3.19 16.33
C ILE A 40 4.40 -3.29 17.85
N GLN A 41 4.00 -4.44 18.43
CA GLN A 41 4.04 -4.67 19.87
C GLN A 41 5.46 -4.60 20.39
N LEU A 42 6.45 -5.14 19.66
CA LEU A 42 7.84 -5.02 20.07
C LEU A 42 8.27 -3.54 20.12
N ILE A 43 8.07 -2.82 19.02
CA ILE A 43 8.55 -1.44 18.88
C ILE A 43 7.84 -0.46 19.82
N GLN A 44 6.54 -0.56 19.98
CA GLN A 44 5.86 0.43 20.82
C GLN A 44 6.13 0.19 22.30
N ASN A 45 6.25 1.27 23.10
CA ASN A 45 6.46 1.11 24.55
C ASN A 45 5.25 0.34 25.07
N HIS A 46 5.48 -0.62 25.98
CA HIS A 46 4.45 -1.55 26.51
C HIS A 46 3.15 -0.90 27.03
N PHE A 47 3.16 0.41 27.35
CA PHE A 47 1.99 1.13 27.86
C PHE A 47 1.51 2.21 26.90
N VAL A 48 2.06 2.21 25.66
CA VAL A 48 1.73 3.15 24.59
C VAL A 48 1.02 2.34 23.52
N ASP A 49 -0.33 2.44 23.42
CA ASP A 49 -1.12 1.73 22.41
C ASP A 49 -1.23 2.66 21.22
N GLU A 50 -0.09 2.88 20.56
CA GLU A 50 -0.02 3.85 19.48
C GLU A 50 1.16 3.53 18.59
N TYR A 51 1.00 3.85 17.28
CA TYR A 51 2.01 3.53 16.28
C TYR A 51 1.85 4.39 15.03
N ASP A 52 2.94 5.03 14.62
CA ASP A 52 3.03 5.83 13.41
C ASP A 52 4.10 5.16 12.52
N PRO A 53 3.71 4.38 11.50
CA PRO A 53 4.73 3.68 10.68
C PRO A 53 5.52 4.59 9.75
N THR A 54 5.10 5.85 9.58
CA THR A 54 5.73 6.79 8.65
C THR A 54 7.03 7.43 9.22
N ILE A 55 7.52 7.05 10.44
CA ILE A 55 8.79 7.58 11.03
C ILE A 55 9.87 6.49 11.22
N GLU A 56 11.19 6.86 11.26
CA GLU A 56 12.34 5.93 11.44
C GLU A 56 12.29 5.10 12.73
N ASP A 57 11.91 5.72 13.84
CA ASP A 57 11.78 5.03 15.12
C ASP A 57 10.78 3.85 15.05
N SER A 58 9.87 3.83 14.04
CA SER A 58 8.85 2.79 13.92
C SER A 58 9.41 1.38 13.66
N TYR A 59 10.61 1.26 13.07
CA TYR A 59 11.21 -0.05 12.75
C TYR A 59 12.59 -0.32 13.41
N ARG A 60 13.05 0.58 14.30
CA ARG A 60 14.34 0.44 14.98
C ARG A 60 14.15 0.47 16.50
N LYS A 61 14.85 -0.43 17.21
CA LYS A 61 14.74 -0.50 18.67
C LYS A 61 16.07 -0.89 19.28
N GLN A 62 16.54 -0.13 20.26
CA GLN A 62 17.77 -0.45 20.96
C GLN A 62 17.36 -1.36 22.12
N VAL A 63 18.01 -2.50 22.26
CA VAL A 63 17.65 -3.44 23.34
C VAL A 63 18.90 -4.02 23.98
N VAL A 64 18.73 -4.71 25.10
CA VAL A 64 19.83 -5.38 25.81
C VAL A 64 19.43 -6.83 25.90
N ILE A 65 20.23 -7.71 25.31
CA ILE A 65 19.95 -9.14 25.28
C ILE A 65 21.14 -9.86 25.87
N ASP A 66 20.94 -10.61 26.97
CA ASP A 66 22.02 -11.33 27.65
C ASP A 66 23.19 -10.35 27.98
N GLY A 67 22.82 -9.19 28.52
CA GLY A 67 23.76 -8.13 28.89
C GLY A 67 24.42 -7.33 27.78
N GLU A 68 24.25 -7.74 26.49
CA GLU A 68 24.86 -7.06 25.37
C GLU A 68 23.85 -6.16 24.63
N THR A 69 24.09 -4.84 24.67
CA THR A 69 23.26 -3.83 24.02
C THR A 69 23.40 -3.95 22.50
N CYS A 70 22.28 -3.87 21.76
CA CYS A 70 22.29 -3.94 20.30
C CYS A 70 21.13 -3.14 19.74
N LEU A 71 21.15 -2.93 18.44
CA LEU A 71 20.06 -2.27 17.73
C LEU A 71 19.35 -3.28 16.82
N LEU A 72 18.02 -3.38 16.96
CA LEU A 72 17.21 -4.25 16.09
C LEU A 72 16.61 -3.38 15.00
N ASP A 73 16.87 -3.72 13.75
CA ASP A 73 16.28 -3.04 12.58
C ASP A 73 15.31 -4.09 12.00
N ILE A 74 13.98 -3.84 12.08
CA ILE A 74 12.99 -4.84 11.64
C ILE A 74 12.26 -4.46 10.38
N LEU A 75 12.35 -5.32 9.35
CA LEU A 75 11.61 -5.12 8.11
C LEU A 75 10.36 -5.99 8.14
N ASP A 76 9.22 -5.35 8.11
CA ASP A 76 7.96 -6.02 8.03
C ASP A 76 7.19 -5.33 6.93
N THR A 77 7.04 -6.02 5.78
CA THR A 77 6.34 -5.46 4.62
C THR A 77 4.85 -5.84 4.55
N ALA A 78 4.22 -6.10 5.72
CA ALA A 78 2.81 -6.45 5.83
C ALA A 78 1.99 -5.48 4.94
N GLY A 79 1.16 -6.04 4.09
CA GLY A 79 0.35 -5.29 3.14
C GLY A 79 0.84 -5.41 1.73
N GLN A 80 2.09 -5.83 1.54
CA GLN A 80 2.71 -5.95 0.21
C GLN A 80 2.83 -7.39 -0.30
N GLU A 81 2.01 -8.31 0.23
CA GLU A 81 2.04 -9.73 -0.13
C GLU A 81 1.74 -9.99 -1.59
N GLU A 82 0.89 -9.17 -2.21
CA GLU A 82 0.55 -9.30 -3.65
C GLU A 82 1.75 -9.00 -4.58
N TYR A 83 2.75 -8.22 -4.10
CA TYR A 83 4.00 -7.98 -4.83
C TYR A 83 4.89 -9.20 -4.58
N SER A 84 4.49 -10.36 -5.09
CA SER A 84 5.17 -11.62 -4.81
C SER A 84 6.54 -11.71 -5.45
N ALA A 85 6.79 -10.97 -6.55
CA ALA A 85 8.11 -10.98 -7.17
C ALA A 85 9.08 -10.04 -6.44
N MET A 86 8.65 -9.32 -5.38
CA MET A 86 9.56 -8.49 -4.57
C MET A 86 10.05 -9.22 -3.32
N ARG A 87 9.55 -10.45 -3.03
CA ARG A 87 9.94 -11.15 -1.81
C ARG A 87 11.44 -11.41 -1.69
N ASP A 88 12.10 -11.82 -2.78
CA ASP A 88 13.55 -12.09 -2.73
C ASP A 88 14.36 -10.83 -2.36
N GLN A 89 14.00 -9.72 -2.99
CA GLN A 89 14.59 -8.41 -2.73
C GLN A 89 14.48 -8.07 -1.27
N TYR A 90 13.27 -8.14 -0.72
CA TYR A 90 13.07 -7.84 0.69
C TYR A 90 13.81 -8.83 1.60
N MET A 91 13.67 -10.12 1.34
CA MET A 91 14.37 -11.15 2.12
C MET A 91 15.90 -10.99 2.15
N ARG A 92 16.51 -10.61 1.00
CA ARG A 92 17.97 -10.52 0.95
C ARG A 92 18.55 -9.44 1.87
N THR A 93 17.76 -8.47 2.34
CA THR A 93 18.23 -7.47 3.30
C THR A 93 18.43 -8.02 4.73
N GLY A 94 17.86 -9.17 5.05
CA GLY A 94 17.91 -9.70 6.41
C GLY A 94 19.04 -10.63 6.74
N GLU A 95 19.46 -10.63 8.02
CA GLU A 95 20.41 -11.59 8.59
C GLU A 95 19.64 -12.71 9.31
N GLY A 96 18.51 -12.36 9.89
CA GLY A 96 17.65 -13.29 10.61
C GLY A 96 16.20 -13.07 10.28
N PHE A 97 15.41 -14.16 10.34
CA PHE A 97 14.03 -14.20 9.88
C PHE A 97 13.05 -14.71 10.92
N LEU A 98 11.91 -14.05 11.05
CA LEU A 98 10.80 -14.49 11.86
C LEU A 98 9.76 -14.94 10.83
N CYS A 99 9.46 -16.25 10.81
CA CYS A 99 8.48 -16.84 9.92
C CYS A 99 7.23 -16.98 10.75
N VAL A 100 6.24 -16.13 10.47
CA VAL A 100 5.04 -15.97 11.25
C VAL A 100 3.80 -16.57 10.61
N PHE A 101 2.99 -17.27 11.41
CA PHE A 101 1.69 -17.77 11.00
C PHE A 101 0.70 -17.43 12.12
N ALA A 102 -0.59 -17.51 11.83
CA ALA A 102 -1.64 -17.26 12.81
C ALA A 102 -2.15 -18.60 13.28
N ILE A 103 -2.26 -18.77 14.60
CA ILE A 103 -2.68 -20.06 15.19
C ILE A 103 -4.15 -20.42 14.86
N ASN A 104 -4.91 -19.47 14.34
CA ASN A 104 -6.31 -19.65 13.93
C ASN A 104 -6.42 -19.84 12.39
N ASN A 105 -5.30 -19.89 11.65
CA ASN A 105 -5.34 -19.98 10.21
C ASN A 105 -4.35 -21.01 9.74
N THR A 106 -4.84 -22.20 9.41
CA THR A 106 -4.02 -23.35 8.99
C THR A 106 -3.30 -23.12 7.68
N LYS A 107 -3.90 -22.42 6.75
CA LYS A 107 -3.24 -22.10 5.48
C LYS A 107 -1.97 -21.29 5.75
N SER A 108 -2.03 -20.27 6.66
CA SER A 108 -0.82 -19.48 7.02
C SER A 108 0.28 -20.36 7.57
N PHE A 109 -0.08 -21.40 8.31
CA PHE A 109 0.87 -22.36 8.86
C PHE A 109 1.48 -23.24 7.74
N GLU A 110 0.60 -23.74 6.86
CA GLU A 110 1.01 -24.54 5.70
C GLU A 110 1.89 -23.75 4.71
N ASP A 111 1.75 -22.43 4.66
CA ASP A 111 2.61 -21.56 3.82
C ASP A 111 4.05 -21.42 4.31
N ILE A 112 4.31 -21.69 5.60
CA ILE A 112 5.67 -21.56 6.17
C ILE A 112 6.74 -22.30 5.37
N HIS A 113 6.46 -23.55 5.00
CA HIS A 113 7.45 -24.37 4.33
C HIS A 113 8.06 -23.68 3.12
N GLN A 114 7.21 -23.09 2.26
CA GLN A 114 7.69 -22.42 1.07
C GLN A 114 8.38 -21.09 1.39
N TYR A 115 7.95 -20.36 2.47
CA TYR A 115 8.67 -19.15 2.89
C TYR A 115 10.10 -19.53 3.29
N ARG A 116 10.26 -20.58 4.09
CA ARG A 116 11.59 -21.04 4.50
C ARG A 116 12.45 -21.48 3.29
N GLU A 117 11.85 -22.18 2.31
CA GLU A 117 12.58 -22.55 1.08
C GLU A 117 13.08 -21.34 0.32
N GLN A 118 12.26 -20.31 0.23
CA GLN A 118 12.65 -19.07 -0.43
C GLN A 118 13.79 -18.39 0.28
N ILE A 119 13.71 -18.29 1.60
CA ILE A 119 14.76 -17.66 2.41
C ILE A 119 16.10 -18.39 2.17
N LYS A 120 16.08 -19.72 2.24
CA LYS A 120 17.30 -20.51 2.04
C LYS A 120 17.88 -20.27 0.65
N ARG A 121 17.02 -20.19 -0.36
CA ARG A 121 17.46 -19.90 -1.71
C ARG A 121 18.02 -18.50 -1.83
N VAL A 122 17.35 -17.50 -1.24
CA VAL A 122 17.79 -16.09 -1.26
C VAL A 122 19.14 -15.91 -0.58
N LYS A 123 19.28 -16.52 0.61
CA LYS A 123 20.51 -16.38 1.39
C LYS A 123 21.58 -17.37 0.92
N ASP A 124 21.25 -18.29 0.00
CA ASP A 124 22.12 -19.33 -0.54
C ASP A 124 22.74 -20.16 0.61
N SER A 125 21.90 -20.57 1.57
CA SER A 125 22.35 -21.30 2.74
C SER A 125 21.23 -22.19 3.27
N ASP A 126 21.58 -23.39 3.74
CA ASP A 126 20.64 -24.33 4.35
C ASP A 126 20.55 -24.06 5.83
N ASP A 127 21.35 -23.12 6.36
CA ASP A 127 21.40 -22.81 7.77
C ASP A 127 21.28 -21.31 7.97
N VAL A 128 20.07 -20.79 7.89
CA VAL A 128 19.83 -19.36 8.06
C VAL A 128 19.24 -19.10 9.46
N PRO A 129 19.74 -18.12 10.24
CA PRO A 129 19.10 -17.80 11.53
C PRO A 129 17.62 -17.48 11.34
N MET A 130 16.77 -18.26 11.97
CA MET A 130 15.35 -18.23 11.77
C MET A 130 14.62 -18.77 12.98
N VAL A 131 13.43 -18.26 13.17
CA VAL A 131 12.56 -18.59 14.26
C VAL A 131 11.14 -18.78 13.71
N LEU A 132 10.39 -19.80 14.20
CA LEU A 132 8.99 -20.01 13.81
C LEU A 132 8.13 -19.32 14.88
N VAL A 133 7.21 -18.46 14.47
CA VAL A 133 6.36 -17.76 15.40
C VAL A 133 4.90 -18.01 15.10
N GLY A 134 4.17 -18.50 16.10
CA GLY A 134 2.73 -18.70 16.05
C GLY A 134 2.07 -17.55 16.79
N ASN A 135 1.24 -16.78 16.08
CA ASN A 135 0.59 -15.58 16.60
C ASN A 135 -0.89 -15.79 16.86
N LYS A 136 -1.36 -15.47 18.08
CA LYS A 136 -2.75 -15.55 18.51
C LYS A 136 -3.21 -14.07 18.50
N CYS A 137 -4.01 -13.62 17.52
CA CYS A 137 -4.33 -12.17 17.44
C CYS A 137 -5.81 -11.80 17.62
N ASP A 138 -6.69 -12.79 17.73
CA ASP A 138 -8.12 -12.55 17.98
C ASP A 138 -8.63 -13.72 18.79
N LEU A 139 -9.94 -13.73 19.12
CA LEU A 139 -10.53 -14.83 19.88
C LEU A 139 -11.15 -15.94 18.97
N ALA A 140 -10.89 -15.89 17.63
CA ALA A 140 -11.30 -16.99 16.74
C ALA A 140 -10.62 -18.29 17.21
N ALA A 141 -11.26 -19.44 16.98
CA ALA A 141 -10.75 -20.71 17.46
C ALA A 141 -9.36 -21.06 16.89
N ARG A 142 -8.51 -21.63 17.76
CA ARG A 142 -7.21 -22.16 17.35
C ARG A 142 -7.45 -23.35 16.43
N THR A 143 -6.71 -23.44 15.34
CA THR A 143 -6.74 -24.58 14.40
C THR A 143 -5.37 -25.20 14.27
N VAL A 144 -4.33 -24.55 14.79
CA VAL A 144 -2.96 -25.07 14.73
C VAL A 144 -2.56 -25.30 16.18
N GLU A 145 -2.41 -26.55 16.58
CA GLU A 145 -2.02 -26.91 17.95
C GLU A 145 -0.56 -26.71 18.11
N SER A 146 -0.14 -26.33 19.31
CA SER A 146 1.26 -26.10 19.60
C SER A 146 2.18 -27.30 19.25
N ARG A 147 1.69 -28.53 19.44
CA ARG A 147 2.45 -29.71 19.07
C ARG A 147 2.74 -29.76 17.56
N GLN A 148 1.78 -29.37 16.71
CA GLN A 148 2.00 -29.36 15.25
C GLN A 148 3.12 -28.40 14.89
N ALA A 149 3.08 -27.21 15.47
CA ALA A 149 4.10 -26.19 15.24
C ALA A 149 5.42 -26.56 15.84
N GLN A 150 5.43 -27.20 17.02
CA GLN A 150 6.69 -27.68 17.64
C GLN A 150 7.35 -28.74 16.77
N ASP A 151 6.56 -29.68 16.23
CA ASP A 151 7.07 -30.71 15.32
C ASP A 151 7.64 -30.08 14.03
N LEU A 152 6.93 -29.09 13.44
CA LEU A 152 7.46 -28.40 12.25
C LEU A 152 8.78 -27.70 12.59
N ALA A 153 8.82 -26.96 13.70
CA ALA A 153 10.06 -26.25 14.07
C ALA A 153 11.21 -27.23 14.29
N ARG A 154 10.93 -28.38 14.93
CA ARG A 154 11.96 -29.38 15.15
C ARG A 154 12.43 -30.01 13.82
N SER A 155 11.53 -30.27 12.85
CA SER A 155 11.96 -30.81 11.54
C SER A 155 12.95 -29.86 10.81
N TYR A 156 12.84 -28.54 11.06
CA TYR A 156 13.75 -27.54 10.49
C TYR A 156 14.96 -27.25 11.34
N GLY A 157 14.96 -27.63 12.61
CA GLY A 157 16.03 -27.33 13.55
C GLY A 157 15.97 -25.89 14.02
N ILE A 158 14.77 -25.32 14.22
CA ILE A 158 14.68 -23.91 14.62
C ILE A 158 13.80 -23.78 15.83
N PRO A 159 13.93 -22.71 16.63
CA PRO A 159 12.99 -22.55 17.75
C PRO A 159 11.56 -22.16 17.33
N TYR A 160 10.61 -22.52 18.20
CA TYR A 160 9.22 -22.17 18.04
C TYR A 160 8.85 -21.25 19.18
N ILE A 161 8.24 -20.11 18.89
CA ILE A 161 7.76 -19.19 19.92
C ILE A 161 6.28 -18.88 19.63
N GLU A 162 5.45 -18.93 20.65
CA GLU A 162 4.06 -18.51 20.50
C GLU A 162 3.84 -17.16 21.16
N THR A 163 3.10 -16.26 20.50
CA THR A 163 2.83 -14.92 21.01
C THR A 163 1.35 -14.58 20.97
N SER A 164 0.96 -13.60 21.78
CA SER A 164 -0.40 -13.09 21.79
C SER A 164 -0.38 -11.62 21.34
N ALA A 165 -1.29 -11.21 20.40
CA ALA A 165 -1.43 -9.79 20.03
C ALA A 165 -2.18 -8.98 21.12
N LYS A 166 -3.05 -9.63 21.88
CA LYS A 166 -3.82 -8.98 22.91
C LYS A 166 -2.95 -8.51 24.14
N THR A 167 -2.04 -9.38 24.59
CA THR A 167 -1.30 -9.20 25.83
C THR A 167 0.17 -8.89 25.73
N ARG A 168 0.78 -9.02 24.54
CA ARG A 168 2.22 -8.86 24.32
C ARG A 168 3.03 -10.06 24.85
N GLN A 169 2.38 -11.13 25.33
CA GLN A 169 3.12 -12.32 25.79
C GLN A 169 3.86 -13.00 24.64
N GLY A 170 5.13 -13.31 24.84
CA GLY A 170 6.00 -13.96 23.87
C GLY A 170 6.67 -13.07 22.84
N VAL A 171 6.27 -11.82 22.74
CA VAL A 171 6.78 -10.93 21.68
C VAL A 171 8.26 -10.72 21.79
N GLU A 172 8.71 -10.35 22.95
CA GLU A 172 10.15 -10.14 23.20
C GLU A 172 10.92 -11.44 23.05
N ASP A 173 10.39 -12.54 23.58
CA ASP A 173 11.01 -13.85 23.48
C ASP A 173 11.22 -14.23 22.01
N ALA A 174 10.25 -13.89 21.14
CA ALA A 174 10.38 -14.21 19.70
C ALA A 174 11.59 -13.52 19.09
N PHE A 175 11.69 -12.22 19.32
CA PHE A 175 12.81 -11.42 18.77
C PHE A 175 14.14 -11.70 19.44
N TYR A 176 14.16 -11.85 20.76
CA TYR A 176 15.41 -12.13 21.49
C TYR A 176 15.95 -13.50 21.11
N THR A 177 15.06 -14.48 20.91
CA THR A 177 15.48 -15.81 20.48
C THR A 177 16.12 -15.73 19.11
N LEU A 178 15.55 -14.95 18.19
CA LEU A 178 16.16 -14.78 16.88
C LEU A 178 17.56 -14.18 16.99
N VAL A 179 17.72 -13.16 17.80
CA VAL A 179 19.05 -12.55 18.00
C VAL A 179 20.03 -13.58 18.57
N ARG A 180 19.60 -14.42 19.50
CA ARG A 180 20.49 -15.47 20.01
C ARG A 180 20.86 -16.43 18.88
N GLU A 181 19.90 -16.78 17.96
CA GLU A 181 20.20 -17.65 16.83
C GLU A 181 21.26 -17.00 15.91
N ILE A 182 21.19 -15.68 15.72
CA ILE A 182 22.19 -14.99 14.89
C ILE A 182 23.58 -15.04 15.62
N ARG A 183 23.62 -14.68 16.91
CA ARG A 183 24.88 -14.65 17.68
C ARG A 183 25.57 -16.01 17.71
N GLN A 184 24.79 -17.09 17.82
CA GLN A 184 25.28 -18.46 17.88
C GLN A 184 25.47 -19.12 16.52
N HIS A 185 25.23 -18.39 15.42
CA HIS A 185 25.38 -18.98 14.09
C HIS A 185 26.85 -19.29 13.76
N MET B 5 -26.04 31.37 23.96
CA MET B 5 -27.19 30.97 23.14
C MET B 5 -27.88 29.75 23.74
N ARG B 6 -29.20 29.84 23.98
CA ARG B 6 -29.99 28.77 24.59
C ARG B 6 -30.38 27.74 23.53
N LEU B 7 -30.01 26.47 23.78
CA LEU B 7 -30.26 25.34 22.88
C LEU B 7 -31.40 24.49 23.43
N PRO B 8 -31.97 23.58 22.61
CA PRO B 8 -33.01 22.68 23.14
C PRO B 8 -32.45 21.67 24.11
N SER B 9 -33.34 20.91 24.75
CA SER B 9 -32.96 19.87 25.70
C SER B 9 -32.33 18.68 24.94
N ALA B 10 -31.30 18.04 25.53
CA ALA B 10 -30.67 16.86 24.92
C ALA B 10 -31.66 15.67 24.82
N ASP B 11 -32.74 15.68 25.65
CA ASP B 11 -33.79 14.66 25.65
C ASP B 11 -34.59 14.69 24.34
N VAL B 12 -34.77 15.88 23.73
CA VAL B 12 -35.48 16.05 22.45
C VAL B 12 -34.50 16.22 21.26
N TYR B 13 -33.25 16.67 21.51
CA TYR B 13 -32.26 16.89 20.45
C TYR B 13 -30.87 16.49 20.95
N ARG B 14 -30.44 15.23 20.66
CA ARG B 14 -29.16 14.62 21.10
C ARG B 14 -27.91 15.46 20.91
N PHE B 15 -27.89 16.28 19.86
CA PHE B 15 -26.73 17.12 19.54
C PHE B 15 -26.59 18.34 20.45
N ALA B 16 -27.59 18.64 21.31
CA ALA B 16 -27.51 19.77 22.25
C ALA B 16 -26.68 19.42 23.48
N GLU B 17 -26.38 18.12 23.71
CA GLU B 17 -25.55 17.68 24.84
C GLU B 17 -24.24 18.45 24.86
N PRO B 18 -23.86 19.10 25.98
CA PRO B 18 -22.60 19.86 25.97
C PRO B 18 -21.35 18.98 25.89
N ASP B 19 -20.25 19.62 25.52
CA ASP B 19 -18.97 18.95 25.39
C ASP B 19 -18.45 18.59 26.77
N SER B 20 -17.80 17.44 26.87
CA SER B 20 -17.14 17.00 28.10
C SER B 20 -16.01 16.05 27.71
N GLU B 21 -15.14 15.77 28.70
CA GLU B 21 -14.03 14.82 28.58
C GLU B 21 -14.53 13.41 28.25
N GLU B 22 -15.81 13.11 28.55
CA GLU B 22 -16.42 11.81 28.30
C GLU B 22 -17.05 11.69 26.91
N ASN B 23 -17.09 12.76 26.09
CA ASN B 23 -17.72 12.63 24.77
C ASN B 23 -16.93 13.25 23.57
N ILE B 24 -15.90 14.03 23.82
CA ILE B 24 -15.11 14.66 22.77
C ILE B 24 -13.79 15.12 23.35
N ILE B 25 -12.65 14.74 22.72
CA ILE B 25 -11.31 15.14 23.12
C ILE B 25 -10.56 15.62 21.89
N PHE B 26 -9.60 16.51 22.10
CA PHE B 26 -8.89 17.18 21.01
C PHE B 26 -7.44 16.94 21.10
N GLU B 27 -6.73 17.17 20.00
CA GLU B 27 -5.28 17.16 19.98
C GLU B 27 -4.87 18.56 20.53
N GLU B 28 -3.63 18.72 20.94
CA GLU B 28 -3.14 20.02 21.46
C GLU B 28 -3.10 21.15 20.37
N ASN B 29 -2.76 20.80 19.12
CA ASN B 29 -2.66 21.75 18.00
C ASN B 29 -3.99 22.07 17.30
N MET B 30 -3.94 23.11 16.42
CA MET B 30 -5.07 23.60 15.63
C MET B 30 -4.79 23.34 14.16
N GLN B 31 -5.85 23.21 13.35
CA GLN B 31 -5.76 23.00 11.91
C GLN B 31 -4.91 24.14 11.37
N PRO B 32 -3.74 23.82 10.76
CA PRO B 32 -2.74 24.86 10.41
C PRO B 32 -3.19 26.12 9.71
N LYS B 33 -4.07 25.99 8.69
CA LYS B 33 -4.56 27.10 7.87
C LYS B 33 -5.84 27.74 8.39
N ALA B 34 -6.72 26.99 9.13
CA ALA B 34 -8.03 27.47 9.58
C ALA B 34 -8.15 27.88 11.04
N GLY B 35 -7.18 27.54 11.88
CA GLY B 35 -7.23 27.88 13.30
C GLY B 35 -8.34 27.21 14.07
N ILE B 36 -8.74 26.02 13.60
CA ILE B 36 -9.82 25.17 14.11
C ILE B 36 -9.20 24.10 14.97
N PRO B 37 -9.84 23.63 16.05
CA PRO B 37 -9.23 22.53 16.81
C PRO B 37 -9.23 21.21 16.04
N ILE B 38 -8.32 20.34 16.38
CA ILE B 38 -8.20 19.02 15.75
C ILE B 38 -8.87 18.01 16.70
N ILE B 39 -9.92 17.36 16.23
CA ILE B 39 -10.62 16.35 17.03
C ILE B 39 -9.75 15.08 17.08
N LYS B 40 -9.53 14.58 18.28
CA LYS B 40 -8.77 13.36 18.52
C LYS B 40 -9.75 12.18 18.58
N ALA B 41 -10.84 12.35 19.32
CA ALA B 41 -11.83 11.32 19.49
C ALA B 41 -13.11 11.85 20.02
N GLY B 42 -14.16 11.10 19.81
CA GLY B 42 -15.45 11.47 20.34
C GLY B 42 -16.48 10.42 20.08
N THR B 43 -17.67 10.61 20.63
CA THR B 43 -18.81 9.73 20.35
C THR B 43 -19.26 10.07 18.93
N VAL B 44 -20.02 9.19 18.29
CA VAL B 44 -20.52 9.46 16.93
C VAL B 44 -21.44 10.69 16.91
N ILE B 45 -22.23 10.90 17.98
CA ILE B 45 -23.10 12.08 18.12
C ILE B 45 -22.25 13.35 18.05
N LYS B 46 -21.13 13.39 18.82
CA LYS B 46 -20.20 14.52 18.83
C LYS B 46 -19.47 14.69 17.53
N LEU B 47 -19.10 13.58 16.84
CA LEU B 47 -18.43 13.68 15.55
C LEU B 47 -19.41 14.22 14.53
N ILE B 48 -20.67 13.80 14.60
CA ILE B 48 -21.69 14.31 13.67
C ILE B 48 -21.99 15.79 13.95
N GLU B 49 -21.95 16.23 15.23
CA GLU B 49 -22.16 17.64 15.58
C GLU B 49 -21.02 18.46 14.99
N ARG B 50 -19.76 18.00 15.16
CA ARG B 50 -18.62 18.75 14.62
C ARG B 50 -18.51 18.67 13.10
N LEU B 51 -19.09 17.64 12.48
CA LEU B 51 -19.15 17.47 11.04
C LEU B 51 -20.07 18.53 10.42
N THR B 52 -21.05 19.05 11.21
CA THR B 52 -22.04 20.02 10.77
C THR B 52 -22.16 21.14 11.84
N TYR B 53 -21.02 21.71 12.25
CA TYR B 53 -20.96 22.68 13.35
C TYR B 53 -21.55 24.03 12.99
N HIS B 54 -22.24 24.63 13.94
CA HIS B 54 -22.88 25.93 13.75
C HIS B 54 -21.89 27.11 13.73
N MET B 55 -20.77 27.02 14.45
CA MET B 55 -19.80 28.12 14.53
C MET B 55 -18.97 28.36 13.28
N TYR B 56 -18.62 27.30 12.55
CA TYR B 56 -17.80 27.39 11.33
C TYR B 56 -17.85 26.11 10.51
N ALA B 57 -17.50 26.23 9.24
CA ALA B 57 -17.42 25.11 8.30
C ALA B 57 -16.09 24.46 8.58
N ASP B 58 -15.99 23.15 8.35
CA ASP B 58 -14.76 22.40 8.64
C ASP B 58 -14.48 21.43 7.46
N PRO B 59 -14.06 21.99 6.30
CA PRO B 59 -13.87 21.15 5.12
C PRO B 59 -12.90 19.98 5.26
N ASN B 60 -11.84 20.12 6.08
CA ASN B 60 -10.89 19.02 6.30
C ASN B 60 -11.48 17.89 7.06
N PHE B 61 -12.26 18.21 8.08
CA PHE B 61 -12.93 17.21 8.90
C PHE B 61 -14.00 16.51 8.05
N VAL B 62 -14.72 17.25 7.18
CA VAL B 62 -15.75 16.66 6.32
C VAL B 62 -15.11 15.63 5.41
N ARG B 63 -14.00 16.02 4.75
CA ARG B 63 -13.24 15.20 3.81
C ARG B 63 -12.71 13.94 4.49
N THR B 64 -12.04 14.10 5.61
CA THR B 64 -11.50 12.98 6.39
C THR B 64 -12.59 12.07 6.86
N PHE B 65 -13.67 12.64 7.40
CA PHE B 65 -14.80 11.87 7.89
C PHE B 65 -15.44 11.05 6.81
N LEU B 66 -15.78 11.67 5.68
CA LEU B 66 -16.51 10.94 4.63
C LEU B 66 -15.64 9.87 3.94
N THR B 67 -14.31 10.02 4.05
CA THR B 67 -13.36 9.02 3.49
C THR B 67 -13.25 7.78 4.40
N THR B 68 -13.32 7.98 5.73
CA THR B 68 -13.03 6.94 6.73
C THR B 68 -14.15 6.48 7.67
N TYR B 69 -15.35 7.10 7.65
CA TYR B 69 -16.39 6.78 8.63
C TYR B 69 -16.87 5.33 8.68
N ARG B 70 -16.75 4.59 7.57
CA ARG B 70 -17.36 3.27 7.47
C ARG B 70 -16.78 2.25 8.44
N SER B 71 -15.58 2.50 8.99
CA SER B 71 -14.98 1.66 10.04
C SER B 71 -15.71 1.79 11.38
N PHE B 72 -16.49 2.88 11.61
CA PHE B 72 -17.23 3.08 12.86
C PHE B 72 -18.72 3.37 12.69
N CYS B 73 -19.23 3.54 11.47
CA CYS B 73 -20.62 3.91 11.28
C CYS B 73 -21.05 3.42 9.91
N LYS B 74 -22.22 2.82 9.83
CA LYS B 74 -22.72 2.33 8.53
C LYS B 74 -23.29 3.48 7.69
N PRO B 75 -23.22 3.42 6.33
CA PRO B 75 -23.81 4.50 5.52
C PRO B 75 -25.25 4.85 5.88
N GLN B 76 -26.07 3.83 6.09
CA GLN B 76 -27.49 3.97 6.48
C GLN B 76 -27.65 4.72 7.79
N GLU B 77 -26.81 4.39 8.79
CA GLU B 77 -26.80 5.03 10.08
C GLU B 77 -26.32 6.50 9.98
N LEU B 78 -25.32 6.79 9.11
CA LEU B 78 -24.82 8.16 8.92
C LEU B 78 -25.94 9.03 8.33
N LEU B 79 -26.67 8.52 7.33
CA LEU B 79 -27.77 9.27 6.74
C LEU B 79 -28.82 9.64 7.82
N SER B 80 -29.23 8.64 8.62
CA SER B 80 -30.17 8.82 9.74
C SER B 80 -29.68 9.89 10.71
N LEU B 81 -28.40 9.85 11.06
CA LEU B 81 -27.79 10.82 11.98
C LEU B 81 -27.81 12.27 11.40
N ILE B 82 -27.49 12.46 10.09
CA ILE B 82 -27.48 13.80 9.49
C ILE B 82 -28.93 14.31 9.26
N ILE B 83 -29.90 13.41 9.06
CA ILE B 83 -31.32 13.78 8.92
C ILE B 83 -31.80 14.28 10.31
N GLU B 84 -31.44 13.53 11.35
CA GLU B 84 -31.76 13.85 12.73
C GLU B 84 -31.12 15.20 13.13
N ARG B 85 -29.87 15.43 12.72
CA ARG B 85 -29.16 16.69 13.00
C ARG B 85 -29.89 17.88 12.36
N PHE B 86 -30.40 17.71 11.14
CA PHE B 86 -31.07 18.75 10.36
C PHE B 86 -32.40 19.18 10.95
N GLU B 87 -33.16 18.20 11.49
CA GLU B 87 -34.48 18.42 12.06
C GLU B 87 -34.32 18.97 13.45
N ILE B 88 -34.04 20.27 13.55
CA ILE B 88 -33.79 20.92 14.83
C ILE B 88 -35.11 21.46 15.42
N PRO B 89 -35.50 21.06 16.64
CA PRO B 89 -36.68 21.67 17.25
C PRO B 89 -36.26 22.98 17.94
N GLU B 90 -37.17 23.97 18.02
CA GLU B 90 -36.85 25.24 18.68
C GLU B 90 -36.91 24.99 20.22
N PRO B 91 -36.16 25.74 21.07
CA PRO B 91 -36.24 25.49 22.53
C PRO B 91 -37.66 25.74 23.09
N GLU B 92 -38.01 25.06 24.21
CA GLU B 92 -39.36 25.16 24.82
C GLU B 92 -39.69 26.54 25.39
C LEU B 108 -40.53 36.85 19.02
N SER B 109 -39.83 36.19 19.97
CA SER B 109 -38.80 36.85 20.77
C SER B 109 -37.47 36.97 20.00
N ALA B 110 -36.54 37.78 20.54
CA ALA B 110 -35.22 38.00 19.95
C ALA B 110 -34.29 36.79 20.12
N GLU B 111 -34.57 35.92 21.12
CA GLU B 111 -33.77 34.71 21.37
C GLU B 111 -34.04 33.68 20.28
N LEU B 112 -35.32 33.49 19.88
CA LEU B 112 -35.71 32.54 18.84
C LEU B 112 -35.17 32.97 17.47
N LYS B 113 -35.27 34.28 17.12
CA LYS B 113 -34.74 34.81 15.85
C LYS B 113 -33.22 34.63 15.73
N ARG B 114 -32.51 34.69 16.88
CA ARG B 114 -31.07 34.49 16.92
C ARG B 114 -30.77 33.01 16.72
N PHE B 115 -31.54 32.12 17.39
CA PHE B 115 -31.38 30.67 17.29
C PHE B 115 -31.60 30.21 15.85
N ARG B 116 -32.59 30.79 15.15
CA ARG B 116 -32.88 30.45 13.76
C ARG B 116 -31.72 30.85 12.83
N LYS B 117 -31.14 32.06 13.05
CA LYS B 117 -30.07 32.60 12.21
C LYS B 117 -28.68 32.08 12.55
N GLU B 118 -28.39 31.88 13.84
CA GLU B 118 -27.06 31.47 14.32
C GLU B 118 -26.92 29.96 14.63
N TYR B 119 -28.02 29.18 14.67
CA TYR B 119 -27.93 27.74 14.92
C TYR B 119 -28.58 26.92 13.83
N ILE B 120 -29.88 27.12 13.60
CA ILE B 120 -30.61 26.32 12.61
C ILE B 120 -30.09 26.53 11.19
N GLN B 121 -30.04 27.77 10.69
CA GLN B 121 -29.63 28.00 9.29
C GLN B 121 -28.20 27.51 9.05
N PRO B 122 -27.20 27.81 9.91
CA PRO B 122 -25.85 27.29 9.67
C PRO B 122 -25.77 25.74 9.74
N VAL B 123 -26.40 25.10 10.73
CA VAL B 123 -26.39 23.63 10.86
C VAL B 123 -27.04 22.97 9.66
N GLN B 124 -28.22 23.47 9.26
CA GLN B 124 -28.92 22.92 8.10
C GLN B 124 -28.08 23.05 6.83
N LEU B 125 -27.39 24.18 6.67
CA LEU B 125 -26.52 24.40 5.53
C LEU B 125 -25.33 23.43 5.55
N ARG B 126 -24.78 23.13 6.75
CA ARG B 126 -23.65 22.21 6.88
C ARG B 126 -24.07 20.79 6.53
N VAL B 127 -25.28 20.34 6.92
CA VAL B 127 -25.71 18.98 6.57
C VAL B 127 -25.88 18.89 5.06
N LEU B 128 -26.38 19.96 4.38
CA LEU B 128 -26.50 19.94 2.91
C LEU B 128 -25.14 19.86 2.26
N ASN B 129 -24.12 20.54 2.82
CA ASN B 129 -22.76 20.48 2.31
C ASN B 129 -22.18 19.03 2.46
N VAL B 130 -22.49 18.35 3.58
CA VAL B 130 -22.07 16.96 3.81
C VAL B 130 -22.73 16.07 2.75
N CYS B 131 -24.04 16.23 2.55
CA CYS B 131 -24.77 15.49 1.51
C CYS B 131 -24.13 15.69 0.15
N ARG B 132 -23.80 16.94 -0.18
CA ARG B 132 -23.18 17.32 -1.45
C ARG B 132 -21.82 16.64 -1.64
N HIS B 133 -20.95 16.75 -0.61
CA HIS B 133 -19.61 16.14 -0.62
C HIS B 133 -19.73 14.60 -0.68
N TRP B 134 -20.74 14.05 0.00
CA TRP B 134 -21.00 12.60 0.02
C TRP B 134 -21.32 12.05 -1.37
N VAL B 135 -22.32 12.64 -2.05
CA VAL B 135 -22.70 12.22 -3.41
C VAL B 135 -21.63 12.53 -4.44
N GLU B 136 -20.89 13.64 -4.26
CA GLU B 136 -19.84 14.01 -5.22
C GLU B 136 -18.61 13.14 -5.12
N HIS B 137 -18.12 12.87 -3.91
CA HIS B 137 -16.85 12.17 -3.75
C HIS B 137 -16.96 10.74 -3.31
N HIS B 138 -18.13 10.29 -2.83
CA HIS B 138 -18.26 8.90 -2.32
C HIS B 138 -19.55 8.30 -2.81
N PHE B 139 -19.83 8.49 -4.10
CA PHE B 139 -21.07 8.01 -4.72
C PHE B 139 -21.20 6.48 -4.69
N TYR B 140 -20.07 5.74 -4.60
CA TYR B 140 -20.07 4.28 -4.46
C TYR B 140 -20.94 3.80 -3.28
N ASP B 141 -21.10 4.58 -2.19
CA ASP B 141 -22.03 4.19 -1.11
C ASP B 141 -23.47 4.02 -1.62
N PHE B 142 -23.87 4.88 -2.56
CA PHE B 142 -25.20 4.94 -3.16
C PHE B 142 -25.36 3.91 -4.26
N GLU B 143 -24.28 3.62 -5.03
CA GLU B 143 -24.29 2.60 -6.07
C GLU B 143 -24.45 1.21 -5.46
N ARG B 144 -23.87 1.01 -4.28
CA ARG B 144 -23.90 -0.28 -3.59
C ARG B 144 -25.13 -0.50 -2.75
N ASP B 145 -25.92 0.54 -2.49
CA ASP B 145 -27.13 0.46 -1.70
C ASP B 145 -28.14 1.44 -2.29
N ALA B 146 -28.97 0.96 -3.23
CA ALA B 146 -30.00 1.75 -3.90
C ALA B 146 -30.99 2.38 -2.91
N TYR B 147 -31.28 1.71 -1.79
CA TYR B 147 -32.15 2.23 -0.74
C TYR B 147 -31.54 3.46 -0.05
N LEU B 148 -30.20 3.50 0.10
CA LEU B 148 -29.53 4.66 0.68
C LEU B 148 -29.81 5.90 -0.19
N LEU B 149 -29.73 5.75 -1.53
CA LEU B 149 -30.01 6.84 -2.45
C LEU B 149 -31.48 7.25 -2.42
N GLN B 150 -32.42 6.26 -2.29
CA GLN B 150 -33.86 6.52 -2.16
C GLN B 150 -34.10 7.45 -0.96
N ARG B 151 -33.52 7.11 0.20
CA ARG B 151 -33.66 7.94 1.39
C ARG B 151 -33.00 9.33 1.22
N MET B 152 -31.87 9.42 0.48
CA MET B 152 -31.20 10.70 0.25
C MET B 152 -32.06 11.59 -0.64
N GLU B 153 -32.56 11.05 -1.76
CA GLU B 153 -33.41 11.80 -2.71
C GLU B 153 -34.69 12.27 -2.04
N GLU B 154 -35.28 11.42 -1.19
CA GLU B 154 -36.48 11.72 -0.44
C GLU B 154 -36.20 12.84 0.54
N PHE B 155 -35.15 12.70 1.36
CA PHE B 155 -34.75 13.70 2.35
C PHE B 155 -34.55 15.07 1.69
N ILE B 156 -33.79 15.09 0.60
CA ILE B 156 -33.47 16.30 -0.15
C ILE B 156 -34.74 16.93 -0.74
N GLY B 157 -35.71 16.11 -1.15
CA GLY B 157 -36.99 16.56 -1.69
C GLY B 157 -37.89 17.27 -0.69
N THR B 158 -37.70 16.99 0.63
CA THR B 158 -38.45 17.62 1.73
C THR B 158 -37.82 18.92 2.24
N VAL B 159 -36.66 19.33 1.70
CA VAL B 159 -35.96 20.53 2.19
C VAL B 159 -36.66 21.78 1.64
N ARG B 160 -37.16 22.65 2.56
CA ARG B 160 -37.86 23.90 2.21
C ARG B 160 -37.06 25.12 2.71
N GLY B 161 -37.05 26.16 1.89
CA GLY B 161 -36.37 27.41 2.19
C GLY B 161 -35.68 27.97 0.96
N LYS B 162 -35.70 29.30 0.79
CA LYS B 162 -35.04 29.96 -0.35
C LYS B 162 -33.52 29.88 -0.17
N ALA B 163 -33.05 29.88 1.10
CA ALA B 163 -31.63 29.77 1.43
C ALA B 163 -31.07 28.39 1.05
N MET B 164 -31.87 27.32 1.26
CA MET B 164 -31.47 25.93 1.00
C MET B 164 -31.64 25.50 -0.48
N LYS B 165 -32.66 26.06 -1.18
CA LYS B 165 -33.01 25.71 -2.58
C LYS B 165 -31.82 25.56 -3.52
N LYS B 166 -30.91 26.53 -3.47
CA LYS B 166 -29.70 26.58 -4.30
C LYS B 166 -28.78 25.35 -4.06
N TRP B 167 -28.61 24.94 -2.78
CA TRP B 167 -27.74 23.82 -2.40
C TRP B 167 -28.47 22.49 -2.73
N VAL B 168 -29.78 22.43 -2.45
CA VAL B 168 -30.66 21.29 -2.79
C VAL B 168 -30.60 21.00 -4.29
N GLU B 169 -30.82 22.03 -5.11
CA GLU B 169 -30.75 21.90 -6.56
C GLU B 169 -29.40 21.37 -7.05
N SER B 170 -28.28 21.81 -6.45
CA SER B 170 -26.95 21.32 -6.82
C SER B 170 -26.77 19.82 -6.48
N ILE B 171 -27.28 19.37 -5.32
CA ILE B 171 -27.18 17.96 -4.91
C ILE B 171 -27.92 17.07 -5.92
N THR B 172 -29.13 17.50 -6.33
CA THR B 172 -29.95 16.83 -7.35
C THR B 172 -29.19 16.75 -8.67
N LYS B 173 -28.51 17.82 -9.09
CA LYS B 173 -27.76 17.80 -10.35
C LYS B 173 -26.56 16.87 -10.27
N ILE B 174 -25.88 16.77 -9.10
CA ILE B 174 -24.75 15.84 -8.93
C ILE B 174 -25.27 14.41 -9.01
N ILE B 175 -26.36 14.09 -8.28
CA ILE B 175 -26.96 12.74 -8.27
C ILE B 175 -27.29 12.26 -9.68
N GLN B 176 -27.94 13.11 -10.48
CA GLN B 176 -28.30 12.78 -11.88
C GLN B 176 -27.05 12.54 -12.75
N ARG B 177 -26.03 13.35 -12.59
CA ARG B 177 -24.76 13.17 -13.32
C ARG B 177 -24.08 11.84 -12.92
N LYS B 178 -24.06 11.53 -11.62
CA LYS B 178 -23.45 10.31 -11.10
C LYS B 178 -24.27 9.06 -11.49
N LYS B 179 -25.61 9.17 -11.58
CA LYS B 179 -26.46 8.06 -12.02
C LYS B 179 -26.12 7.72 -13.49
N ILE B 180 -25.92 8.74 -14.35
CA ILE B 180 -25.61 8.56 -15.78
C ILE B 180 -24.08 8.41 -15.99
N ALA B 181 -23.51 7.30 -15.51
CA ALA B 181 -22.08 7.01 -15.63
C ALA B 181 -21.73 6.52 -17.03
N PHE B 192 -5.26 18.52 -23.49
CA PHE B 192 -5.09 19.75 -22.73
C PHE B 192 -3.57 19.98 -22.38
N GLN B 193 -2.73 19.98 -23.44
CA GLN B 193 -1.26 20.18 -23.38
C GLN B 193 -0.76 20.61 -24.81
N SER B 194 0.59 20.57 -25.07
CA SER B 194 1.18 20.86 -26.40
C SER B 194 1.50 19.50 -27.12
N SER B 195 2.56 19.40 -27.97
CA SER B 195 2.85 18.16 -28.72
C SER B 195 3.77 17.14 -27.98
N PRO B 196 3.38 15.85 -27.89
CA PRO B 196 4.25 14.85 -27.24
C PRO B 196 5.40 14.43 -28.14
N PRO B 197 6.45 13.79 -27.59
CA PRO B 197 7.56 13.34 -28.46
C PRO B 197 7.15 12.28 -29.47
N THR B 198 7.95 12.16 -30.53
CA THR B 198 7.70 11.18 -31.58
C THR B 198 7.90 9.75 -31.05
N VAL B 199 7.03 8.82 -31.46
CA VAL B 199 7.12 7.42 -31.08
C VAL B 199 8.42 6.86 -31.67
N GLU B 200 9.22 6.17 -30.84
CA GLU B 200 10.50 5.58 -31.22
C GLU B 200 10.33 4.13 -31.65
N TRP B 201 10.98 3.74 -32.79
CA TRP B 201 10.98 2.39 -33.35
C TRP B 201 12.40 1.90 -33.52
N HIS B 202 12.62 0.60 -33.38
CA HIS B 202 13.97 0.02 -33.48
C HIS B 202 14.00 -1.06 -34.58
N ILE B 203 13.95 -2.38 -34.26
CA ILE B 203 13.98 -3.44 -35.26
C ILE B 203 12.56 -3.74 -35.70
N SER B 204 11.63 -3.90 -34.75
CA SER B 204 10.22 -4.14 -35.12
C SER B 204 9.70 -2.85 -35.76
N ARG B 205 8.92 -3.02 -36.81
CA ARG B 205 8.40 -1.86 -37.53
C ARG B 205 6.96 -1.62 -37.09
N PRO B 206 6.41 -0.41 -37.32
CA PRO B 206 5.01 -0.17 -36.95
C PRO B 206 4.05 -1.19 -37.58
N GLY B 207 3.19 -1.76 -36.75
CA GLY B 207 2.22 -2.78 -37.16
C GLY B 207 2.70 -4.22 -37.18
N HIS B 208 4.02 -4.47 -37.00
CA HIS B 208 4.60 -5.82 -37.02
C HIS B 208 4.71 -6.37 -35.59
N ILE B 209 3.53 -6.58 -34.98
CA ILE B 209 3.32 -7.08 -33.61
C ILE B 209 3.93 -8.47 -33.34
N GLU B 210 4.15 -9.26 -34.41
CA GLU B 210 4.61 -10.64 -34.34
C GLU B 210 6.09 -10.67 -33.99
N THR B 211 6.82 -9.61 -34.36
CA THR B 211 8.26 -9.47 -34.08
C THR B 211 8.53 -8.75 -32.74
N PHE B 212 7.50 -8.14 -32.11
CA PHE B 212 7.66 -7.40 -30.87
C PHE B 212 8.25 -8.26 -29.77
N ASP B 213 9.31 -7.75 -29.16
CA ASP B 213 9.99 -8.41 -28.06
C ASP B 213 10.88 -7.40 -27.34
N LEU B 214 11.52 -7.82 -26.24
CA LEU B 214 12.37 -6.95 -25.43
C LEU B 214 13.44 -6.23 -26.20
N LEU B 215 14.14 -6.94 -27.09
CA LEU B 215 15.25 -6.37 -27.84
C LEU B 215 14.88 -5.77 -29.17
N THR B 216 13.69 -6.09 -29.72
CA THR B 216 13.24 -5.57 -31.03
C THR B 216 12.47 -4.27 -30.92
N LEU B 217 11.79 -4.03 -29.80
CA LEU B 217 11.12 -2.75 -29.60
C LEU B 217 12.20 -1.76 -29.12
N HIS B 218 12.00 -0.45 -29.34
CA HIS B 218 12.98 0.54 -28.90
C HIS B 218 12.91 0.67 -27.38
N PRO B 219 14.04 0.63 -26.64
CA PRO B 219 13.99 0.74 -25.18
C PRO B 219 13.29 1.99 -24.65
N ILE B 220 13.42 3.14 -25.36
CA ILE B 220 12.75 4.36 -24.92
C ILE B 220 11.23 4.12 -24.94
N GLU B 221 10.72 3.53 -26.01
CA GLU B 221 9.29 3.32 -26.22
C GLU B 221 8.71 2.23 -25.33
N ILE B 222 9.54 1.26 -24.91
CA ILE B 222 9.10 0.24 -23.95
C ILE B 222 8.78 0.97 -22.67
N ALA B 223 9.74 1.80 -22.19
CA ALA B 223 9.58 2.56 -20.97
C ALA B 223 8.42 3.53 -21.04
N ARG B 224 8.23 4.22 -22.18
CA ARG B 224 7.10 5.15 -22.30
C ARG B 224 5.75 4.46 -22.21
N GLN B 225 5.58 3.36 -22.94
CA GLN B 225 4.30 2.64 -23.00
C GLN B 225 3.98 1.93 -21.69
N LEU B 226 5.01 1.44 -20.99
CA LEU B 226 4.84 0.85 -19.68
C LEU B 226 4.49 1.94 -18.67
N THR B 227 5.11 3.12 -18.82
CA THR B 227 4.80 4.25 -17.95
C THR B 227 3.36 4.71 -18.13
N LEU B 228 2.88 4.74 -19.38
CA LEU B 228 1.49 5.12 -19.66
C LEU B 228 0.51 4.12 -19.04
N LEU B 229 0.78 2.81 -19.21
CA LEU B 229 -0.01 1.73 -18.60
C LEU B 229 0.00 1.82 -17.09
N GLU B 230 1.20 1.94 -16.51
CA GLU B 230 1.39 1.96 -15.06
C GLU B 230 0.84 3.20 -14.41
N SER B 231 0.87 4.34 -15.11
CA SER B 231 0.26 5.60 -14.65
C SER B 231 -1.25 5.46 -14.62
N ASP B 232 -1.85 4.92 -15.68
CA ASP B 232 -3.31 4.68 -15.69
C ASP B 232 -3.73 3.71 -14.57
N LEU B 233 -2.93 2.66 -14.33
CA LEU B 233 -3.26 1.69 -13.25
C LEU B 233 -3.20 2.36 -11.88
N TYR B 234 -2.18 3.19 -11.64
CA TYR B 234 -2.02 3.94 -10.39
C TYR B 234 -3.23 4.89 -10.18
N ARG B 235 -3.57 5.65 -11.22
CA ARG B 235 -4.65 6.64 -11.24
C ARG B 235 -6.05 6.04 -11.00
N ALA B 236 -6.26 4.79 -11.37
CA ALA B 236 -7.57 4.14 -11.19
C ALA B 236 -7.83 3.70 -9.74
N VAL B 237 -6.81 3.68 -8.87
CA VAL B 237 -6.99 3.19 -7.49
C VAL B 237 -7.69 4.24 -6.66
N GLN B 238 -8.80 3.87 -6.03
CA GLN B 238 -9.60 4.76 -5.21
C GLN B 238 -9.39 4.47 -3.75
N PRO B 239 -9.60 5.48 -2.87
CA PRO B 239 -9.48 5.23 -1.42
C PRO B 239 -10.40 4.15 -0.87
N SER B 240 -11.55 3.89 -1.50
CA SER B 240 -12.48 2.81 -1.07
C SER B 240 -11.82 1.40 -1.16
N GLU B 241 -10.75 1.28 -1.97
CA GLU B 241 -9.99 0.07 -2.11
C GLU B 241 -8.91 -0.09 -1.02
N LEU B 242 -8.67 0.97 -0.23
CA LEU B 242 -7.59 1.04 0.75
C LEU B 242 -8.04 1.19 2.18
N VAL B 243 -9.00 2.08 2.43
CA VAL B 243 -9.46 2.33 3.79
C VAL B 243 -10.03 1.02 4.38
N GLY B 244 -9.68 0.71 5.62
CA GLY B 244 -10.10 -0.55 6.24
C GLY B 244 -9.22 -1.74 5.88
N SER B 245 -8.07 -1.51 5.19
CA SER B 245 -7.12 -2.53 4.76
C SER B 245 -7.80 -3.64 3.98
N VAL B 246 -8.80 -3.26 3.18
CA VAL B 246 -9.67 -4.23 2.49
C VAL B 246 -8.95 -5.07 1.42
N TRP B 247 -7.77 -4.61 0.93
CA TRP B 247 -7.01 -5.37 -0.07
C TRP B 247 -6.31 -6.59 0.51
N THR B 248 -6.25 -6.70 1.85
CA THR B 248 -5.64 -7.80 2.55
C THR B 248 -6.72 -8.78 3.07
N LYS B 249 -8.01 -8.42 2.97
CA LYS B 249 -9.09 -9.21 3.54
C LYS B 249 -9.62 -10.22 2.53
N GLU B 250 -10.50 -11.13 3.01
CA GLU B 250 -11.04 -12.22 2.19
C GLU B 250 -11.80 -11.73 0.93
N ASP B 251 -12.40 -10.54 0.97
CA ASP B 251 -13.13 -9.94 -0.16
C ASP B 251 -12.28 -8.93 -0.96
N LYS B 252 -10.95 -9.04 -0.90
CA LYS B 252 -10.04 -8.16 -1.64
C LYS B 252 -10.32 -8.10 -3.14
N GLU B 253 -10.71 -9.23 -3.77
CA GLU B 253 -11.02 -9.23 -5.20
C GLU B 253 -12.23 -8.38 -5.53
N ILE B 254 -13.19 -8.26 -4.60
CA ILE B 254 -14.42 -7.48 -4.75
C ILE B 254 -14.12 -6.02 -4.43
N ASN B 255 -13.39 -5.79 -3.34
CA ASN B 255 -13.18 -4.45 -2.83
C ASN B 255 -12.01 -3.70 -3.36
N SER B 256 -10.98 -4.36 -3.90
CA SER B 256 -9.78 -3.66 -4.37
C SER B 256 -9.36 -4.11 -5.73
N PRO B 257 -10.26 -4.13 -6.72
CA PRO B 257 -9.89 -4.69 -8.03
C PRO B 257 -8.87 -3.89 -8.82
N ASN B 258 -8.88 -2.57 -8.71
CA ASN B 258 -7.93 -1.72 -9.47
C ASN B 258 -6.57 -1.79 -8.84
N LEU B 259 -6.50 -1.80 -7.52
CA LEU B 259 -5.22 -1.98 -6.84
C LEU B 259 -4.59 -3.31 -7.22
N LEU B 260 -5.39 -4.39 -7.14
CA LEU B 260 -4.86 -5.72 -7.46
C LEU B 260 -4.43 -5.84 -8.90
N LYS B 261 -5.14 -5.23 -9.83
CA LYS B 261 -4.73 -5.23 -11.23
C LYS B 261 -3.39 -4.51 -11.38
N MET B 262 -3.24 -3.38 -10.71
CA MET B 262 -1.99 -2.60 -10.76
C MET B 262 -0.84 -3.46 -10.25
N ILE B 263 -1.02 -4.08 -9.07
CA ILE B 263 0.06 -4.92 -8.49
C ILE B 263 0.39 -6.12 -9.39
N ARG B 264 -0.65 -6.73 -9.97
CA ARG B 264 -0.45 -7.91 -10.83
C ARG B 264 0.29 -7.60 -12.12
N HIS B 265 0.07 -6.42 -12.69
CA HIS B 265 0.84 -5.96 -13.85
C HIS B 265 2.29 -5.82 -13.43
N THR B 266 2.54 -5.14 -12.30
CA THR B 266 3.91 -4.95 -11.79
C THR B 266 4.66 -6.27 -11.64
N THR B 267 4.04 -7.25 -10.99
CA THR B 267 4.59 -8.60 -10.79
C THR B 267 4.87 -9.25 -12.12
N ASN B 268 3.91 -9.15 -13.02
CA ASN B 268 4.02 -9.70 -14.37
C ASN B 268 5.28 -9.19 -15.08
N LEU B 269 5.52 -7.85 -15.05
CA LEU B 269 6.70 -7.25 -15.70
C LEU B 269 8.00 -7.71 -15.05
N THR B 270 8.05 -7.78 -13.72
CA THR B 270 9.23 -8.27 -13.03
C THR B 270 9.52 -9.70 -13.49
N LEU B 271 8.49 -10.55 -13.49
CA LEU B 271 8.66 -11.93 -13.90
C LEU B 271 9.07 -12.05 -15.37
N TRP B 272 8.51 -11.21 -16.25
CA TRP B 272 8.92 -11.21 -17.65
C TRP B 272 10.38 -10.82 -17.83
N PHE B 273 10.84 -9.80 -17.10
CA PHE B 273 12.24 -9.40 -17.17
C PHE B 273 13.14 -10.54 -16.75
N GLU B 274 12.79 -11.22 -15.66
CA GLU B 274 13.57 -12.34 -15.17
C GLU B 274 13.61 -13.48 -16.16
N LYS B 275 12.46 -13.77 -16.80
CA LYS B 275 12.31 -14.80 -17.83
C LYS B 275 13.18 -14.50 -19.04
N CYS B 276 13.12 -13.26 -19.55
CA CYS B 276 13.93 -12.81 -20.69
C CYS B 276 15.39 -13.11 -20.45
N ILE B 277 15.85 -12.81 -19.23
CA ILE B 277 17.24 -12.97 -18.83
C ILE B 277 17.65 -14.43 -18.80
N VAL B 278 17.03 -15.23 -17.92
CA VAL B 278 17.40 -16.63 -17.71
C VAL B 278 17.09 -17.51 -18.92
N GLU B 279 16.15 -17.15 -19.79
CA GLU B 279 15.90 -17.91 -21.01
C GLU B 279 16.86 -17.55 -22.17
N THR B 280 17.73 -16.56 -21.99
CA THR B 280 18.77 -16.22 -22.97
C THR B 280 19.99 -16.94 -22.45
N GLU B 281 20.26 -18.14 -22.97
CA GLU B 281 21.33 -19.03 -22.47
C GLU B 281 22.72 -18.60 -22.89
N ASN B 282 22.83 -18.08 -24.10
CA ASN B 282 24.10 -17.55 -24.59
C ASN B 282 24.50 -16.33 -23.73
N LEU B 283 25.72 -16.35 -23.19
CA LEU B 283 26.23 -15.28 -22.32
C LEU B 283 26.21 -13.90 -22.98
N GLU B 284 26.77 -13.77 -24.19
CA GLU B 284 26.80 -12.47 -24.89
C GLU B 284 25.39 -11.91 -25.08
N GLU B 285 24.46 -12.74 -25.51
CA GLU B 285 23.08 -12.30 -25.70
C GLU B 285 22.42 -11.94 -24.34
N ARG B 286 22.74 -12.67 -23.27
CA ARG B 286 22.18 -12.38 -21.95
C ARG B 286 22.67 -11.03 -21.42
N VAL B 287 23.95 -10.73 -21.68
CA VAL B 287 24.57 -9.44 -21.35
C VAL B 287 23.80 -8.34 -22.10
N ALA B 288 23.48 -8.55 -23.39
CA ALA B 288 22.70 -7.57 -24.16
C ALA B 288 21.29 -7.39 -23.57
N VAL B 289 20.65 -8.49 -23.10
CA VAL B 289 19.31 -8.47 -22.48
C VAL B 289 19.35 -7.67 -21.17
N VAL B 290 20.26 -7.99 -20.28
CA VAL B 290 20.35 -7.29 -18.99
C VAL B 290 20.64 -5.81 -19.22
N SER B 291 21.56 -5.52 -20.12
CA SER B 291 21.94 -4.15 -20.50
C SER B 291 20.74 -3.39 -21.04
N ARG B 292 19.89 -4.01 -21.88
CA ARG B 292 18.70 -3.34 -22.39
C ARG B 292 17.67 -3.04 -21.28
N ILE B 293 17.55 -3.96 -20.29
CA ILE B 293 16.64 -3.75 -19.16
C ILE B 293 17.14 -2.58 -18.31
N ILE B 294 18.45 -2.45 -18.13
CA ILE B 294 19.01 -1.30 -17.40
C ILE B 294 18.73 0.03 -18.18
N GLU B 295 18.70 -0.01 -19.50
CA GLU B 295 18.34 1.18 -20.32
C GLU B 295 16.87 1.55 -20.17
N ILE B 296 15.98 0.55 -20.10
CA ILE B 296 14.56 0.77 -19.83
C ILE B 296 14.45 1.44 -18.44
N LEU B 297 15.22 0.95 -17.46
CA LEU B 297 15.25 1.51 -16.12
C LEU B 297 15.69 3.00 -16.11
N GLN B 298 16.75 3.31 -16.84
CA GLN B 298 17.24 4.68 -16.99
C GLN B 298 16.11 5.59 -17.50
N VAL B 299 15.32 5.11 -18.46
CA VAL B 299 14.23 5.87 -19.01
C VAL B 299 13.08 5.99 -18.01
N PHE B 300 12.81 4.95 -17.21
CA PHE B 300 11.80 5.04 -16.15
C PHE B 300 12.16 6.12 -15.15
N GLN B 301 13.47 6.20 -14.76
CA GLN B 301 13.98 7.23 -13.86
C GLN B 301 13.79 8.63 -14.50
N GLU B 302 14.02 8.77 -15.80
CA GLU B 302 13.81 10.06 -16.49
C GLU B 302 12.33 10.48 -16.41
N LEU B 303 11.42 9.51 -16.52
CA LEU B 303 9.98 9.75 -16.45
C LEU B 303 9.39 9.78 -15.05
N ASN B 304 10.19 9.58 -14.01
CA ASN B 304 9.70 9.50 -12.63
C ASN B 304 8.67 8.33 -12.46
N ASN B 305 8.87 7.22 -13.20
CA ASN B 305 8.03 6.05 -13.05
C ASN B 305 8.76 5.17 -12.03
N PHE B 306 8.48 5.44 -10.76
CA PHE B 306 9.12 4.66 -9.69
C PHE B 306 8.60 3.23 -9.60
N ASN B 307 7.38 2.98 -10.01
CA ASN B 307 6.85 1.62 -10.08
C ASN B 307 7.71 0.81 -11.07
N GLY B 308 7.95 1.41 -12.24
CA GLY B 308 8.80 0.85 -13.28
C GLY B 308 10.22 0.62 -12.81
N VAL B 309 10.81 1.60 -12.12
CA VAL B 309 12.15 1.47 -11.55
C VAL B 309 12.21 0.24 -10.63
N LEU B 310 11.27 0.14 -9.69
CA LEU B 310 11.29 -0.98 -8.74
C LEU B 310 10.93 -2.34 -9.39
N GLU B 311 10.19 -2.37 -10.51
CA GLU B 311 9.89 -3.61 -11.27
C GLU B 311 11.20 -4.23 -11.73
N VAL B 312 12.08 -3.35 -12.25
CA VAL B 312 13.40 -3.73 -12.75
C VAL B 312 14.30 -4.14 -11.62
N VAL B 313 14.40 -3.34 -10.59
CA VAL B 313 15.27 -3.62 -9.45
C VAL B 313 14.87 -4.95 -8.81
N SER B 314 13.57 -5.22 -8.67
CA SER B 314 13.07 -6.48 -8.13
C SER B 314 13.50 -7.67 -8.98
N ALA B 315 13.48 -7.53 -10.31
CA ALA B 315 13.92 -8.59 -11.22
C ALA B 315 15.42 -8.84 -11.05
N MET B 316 16.22 -7.76 -10.94
CA MET B 316 17.65 -7.86 -10.79
C MET B 316 18.07 -8.46 -9.45
N ASN B 317 17.26 -8.28 -8.42
CA ASN B 317 17.51 -8.83 -7.08
C ASN B 317 16.86 -10.15 -6.84
N SER B 318 16.15 -10.67 -7.82
CA SER B 318 15.54 -11.99 -7.69
C SER B 318 16.61 -13.07 -7.60
N SER B 319 16.28 -14.19 -6.93
CA SER B 319 17.21 -15.33 -6.76
C SER B 319 17.78 -15.82 -8.09
N PRO B 320 16.97 -15.97 -9.16
CA PRO B 320 17.53 -16.46 -10.43
C PRO B 320 18.47 -15.48 -11.13
N VAL B 321 18.25 -14.17 -10.98
CA VAL B 321 19.07 -13.17 -11.67
C VAL B 321 20.26 -12.74 -10.85
N TYR B 322 20.07 -12.46 -9.58
CA TYR B 322 21.10 -11.95 -8.68
C TYR B 322 22.42 -12.74 -8.71
N ARG B 323 22.33 -14.07 -8.83
CA ARG B 323 23.48 -14.97 -8.82
C ARG B 323 24.24 -15.05 -10.16
N LEU B 324 23.79 -14.36 -11.24
CA LEU B 324 24.45 -14.45 -12.55
C LEU B 324 25.69 -13.54 -12.66
N ASP B 325 26.71 -13.83 -11.87
CA ASP B 325 27.98 -13.06 -11.83
C ASP B 325 28.70 -12.93 -13.16
N HIS B 326 28.69 -13.95 -14.01
CA HIS B 326 29.35 -13.84 -15.32
C HIS B 326 28.63 -12.82 -16.21
N THR B 327 27.32 -12.65 -16.00
CA THR B 327 26.53 -11.70 -16.79
C THR B 327 26.87 -10.31 -16.30
N PHE B 328 26.72 -10.08 -14.98
CA PHE B 328 26.94 -8.77 -14.39
C PHE B 328 28.38 -8.27 -14.54
N GLU B 329 29.36 -9.16 -14.61
CA GLU B 329 30.77 -8.80 -14.83
C GLU B 329 30.95 -8.08 -16.18
N GLN B 330 30.18 -8.46 -17.20
CA GLN B 330 30.30 -7.94 -18.56
C GLN B 330 29.44 -6.73 -18.85
N ILE B 331 28.61 -6.31 -17.90
CA ILE B 331 27.75 -5.14 -18.05
C ILE B 331 28.64 -3.89 -18.03
N PRO B 332 28.46 -2.91 -18.94
CA PRO B 332 29.29 -1.69 -18.87
C PRO B 332 29.17 -1.00 -17.51
N SER B 333 30.29 -0.44 -17.03
CA SER B 333 30.36 0.28 -15.74
C SER B 333 29.27 1.32 -15.52
N ARG B 334 28.94 2.09 -16.54
CA ARG B 334 27.92 3.12 -16.41
C ARG B 334 26.55 2.46 -16.08
N GLN B 335 26.23 1.33 -16.74
CA GLN B 335 24.96 0.63 -16.51
C GLN B 335 24.94 -0.05 -15.15
N LYS B 336 26.11 -0.54 -14.67
CA LYS B 336 26.23 -1.08 -13.33
C LYS B 336 25.89 0.03 -12.33
N LYS B 337 26.44 1.24 -12.56
CA LYS B 337 26.17 2.38 -11.69
C LYS B 337 24.71 2.83 -11.73
N ILE B 338 24.06 2.77 -12.90
CA ILE B 338 22.65 3.12 -12.99
C ILE B 338 21.82 2.16 -12.11
N LEU B 339 22.10 0.86 -12.23
CA LEU B 339 21.39 -0.17 -11.45
C LEU B 339 21.67 -0.02 -9.98
N GLU B 340 22.93 0.22 -9.61
CA GLU B 340 23.28 0.39 -8.18
C GLU B 340 22.53 1.57 -7.51
N GLU B 341 22.44 2.70 -8.22
CA GLU B 341 21.73 3.87 -7.72
C GLU B 341 20.24 3.57 -7.57
N ALA B 342 19.66 2.83 -8.53
CA ALA B 342 18.26 2.43 -8.47
C ALA B 342 18.05 1.50 -7.28
N HIS B 343 18.94 0.54 -7.10
CA HIS B 343 18.88 -0.38 -5.94
C HIS B 343 18.96 0.38 -4.63
N GLU B 344 19.80 1.40 -4.56
CA GLU B 344 19.95 2.21 -3.34
C GLU B 344 18.69 2.97 -2.93
N LEU B 345 17.75 3.20 -3.87
CA LEU B 345 16.50 3.88 -3.51
C LEU B 345 15.73 3.08 -2.46
N SER B 346 15.82 1.74 -2.53
CA SER B 346 15.11 0.81 -1.64
C SER B 346 15.79 0.55 -0.30
N GLU B 347 17.10 0.80 -0.22
CA GLU B 347 17.87 0.59 1.01
C GLU B 347 17.39 1.45 2.17
N ASP B 348 17.60 0.94 3.40
CA ASP B 348 17.20 1.59 4.63
C ASP B 348 15.73 1.96 4.62
N HIS B 349 14.88 0.96 4.37
CA HIS B 349 13.45 1.14 4.35
C HIS B 349 13.04 2.28 3.41
N TYR B 350 13.56 2.25 2.18
CA TYR B 350 13.26 3.23 1.14
C TYR B 350 13.64 4.67 1.45
N LYS B 351 14.62 4.89 2.34
CA LYS B 351 15.02 6.25 2.75
C LYS B 351 15.23 7.19 1.54
N LYS B 352 16.03 6.75 0.56
CA LYS B 352 16.33 7.58 -0.60
C LYS B 352 15.14 7.71 -1.54
N TYR B 353 14.35 6.64 -1.72
CA TYR B 353 13.13 6.74 -2.52
C TYR B 353 12.17 7.80 -1.96
N LEU B 354 11.92 7.76 -0.67
CA LEU B 354 10.99 8.70 -0.01
C LEU B 354 11.41 10.19 -0.20
N ALA B 355 12.72 10.49 -0.04
CA ALA B 355 13.28 11.84 -0.29
C ALA B 355 13.10 12.26 -1.75
N LYS B 356 13.41 11.37 -2.69
CA LYS B 356 13.29 11.67 -4.11
C LYS B 356 11.83 11.91 -4.53
N LEU B 357 10.89 11.11 -3.99
CA LEU B 357 9.49 11.29 -4.35
C LEU B 357 9.05 12.64 -3.82
N ARG B 358 9.41 13.04 -2.58
CA ARG B 358 9.08 14.37 -2.03
C ARG B 358 9.63 15.52 -2.87
N SER B 359 10.78 15.33 -3.52
CA SER B 359 11.43 16.35 -4.37
C SER B 359 10.89 16.38 -5.81
N ILE B 360 10.02 15.42 -6.18
CA ILE B 360 9.40 15.30 -7.52
C ILE B 360 8.05 16.06 -7.41
N ASN B 361 7.58 16.87 -8.38
CA ASN B 361 7.76 17.06 -9.83
C ASN B 361 6.81 16.16 -10.68
N PRO B 362 5.47 16.12 -10.38
CA PRO B 362 4.54 15.39 -11.27
C PRO B 362 4.64 15.80 -12.75
N PRO B 363 4.32 14.91 -13.69
CA PRO B 363 3.78 13.54 -13.51
C PRO B 363 4.78 12.54 -12.95
N CYS B 364 4.27 11.58 -12.21
CA CYS B 364 5.08 10.47 -11.70
C CYS B 364 4.19 9.27 -11.41
N VAL B 365 4.82 8.10 -11.28
CA VAL B 365 4.15 6.85 -10.90
C VAL B 365 4.87 6.37 -9.65
N PRO B 366 4.32 6.70 -8.49
CA PRO B 366 4.90 6.20 -7.23
C PRO B 366 4.84 4.67 -7.10
N PHE B 367 5.68 4.14 -6.22
CA PHE B 367 5.64 2.74 -5.80
C PHE B 367 4.55 2.68 -4.73
N PHE B 368 3.53 1.87 -4.97
CA PHE B 368 2.38 1.81 -4.07
C PHE B 368 2.61 1.07 -2.79
N GLY B 369 3.52 0.09 -2.78
CA GLY B 369 3.67 -0.79 -1.62
C GLY B 369 3.89 -0.10 -0.31
N ILE B 370 4.61 1.01 -0.28
CA ILE B 370 4.88 1.75 0.96
C ILE B 370 3.60 2.29 1.55
N TYR B 371 2.72 2.80 0.70
CA TYR B 371 1.40 3.29 1.16
C TYR B 371 0.57 2.17 1.77
N LEU B 372 0.61 1.00 1.15
CA LEU B 372 -0.15 -0.15 1.63
C LEU B 372 0.32 -0.55 3.00
N THR B 373 1.63 -0.68 3.19
CA THR B 373 2.20 -1.00 4.51
C THR B 373 1.86 0.08 5.54
N ASN B 374 1.94 1.35 5.16
CA ASN B 374 1.61 2.44 6.11
C ASN B 374 0.16 2.46 6.50
N ILE B 375 -0.76 2.24 5.56
CA ILE B 375 -2.19 2.18 5.89
C ILE B 375 -2.46 0.99 6.79
N LEU B 376 -1.98 -0.20 6.43
CA LEU B 376 -2.23 -1.40 7.24
C LEU B 376 -1.70 -1.24 8.64
N LYS B 377 -0.45 -0.77 8.79
CA LYS B 377 0.13 -0.65 10.14
C LYS B 377 -0.53 0.44 10.96
N THR B 378 -1.06 1.50 10.29
CA THR B 378 -1.80 2.56 11.00
C THR B 378 -3.09 1.98 11.55
N GLU B 379 -3.77 1.18 10.71
CA GLU B 379 -5.03 0.60 11.13
C GLU B 379 -4.89 -0.48 12.17
N GLU B 380 -3.89 -1.34 12.04
CA GLU B 380 -3.68 -2.43 13.00
C GLU B 380 -2.96 -1.97 14.26
N GLY B 381 -2.14 -0.93 14.14
CA GLY B 381 -1.33 -0.46 15.26
C GLY B 381 -1.94 0.57 16.19
N ASN B 382 -3.20 0.94 15.98
CA ASN B 382 -3.88 1.97 16.77
C ASN B 382 -5.28 1.49 17.10
N PRO B 383 -5.78 1.78 18.31
CA PRO B 383 -7.12 1.28 18.68
C PRO B 383 -8.24 2.02 17.97
N GLU B 384 -9.33 1.32 17.73
CA GLU B 384 -10.49 1.86 17.05
C GLU B 384 -11.24 2.82 18.01
N VAL B 385 -11.10 2.59 19.31
CA VAL B 385 -11.79 3.31 20.37
C VAL B 385 -10.80 3.74 21.46
N LEU B 386 -11.05 4.90 22.05
CA LEU B 386 -10.29 5.37 23.21
C LEU B 386 -11.29 5.40 24.37
N LYS B 387 -10.83 5.19 25.61
CA LYS B 387 -11.73 5.24 26.77
C LYS B 387 -11.41 6.41 27.66
N ARG B 388 -12.45 7.15 28.07
CA ARG B 388 -12.32 8.33 28.95
C ARG B 388 -13.43 8.27 29.97
N HIS B 389 -13.10 8.20 31.28
CA HIS B 389 -14.10 8.11 32.35
C HIS B 389 -15.09 6.94 32.14
N GLY B 390 -14.55 5.81 31.66
CA GLY B 390 -15.35 4.62 31.39
C GLY B 390 -16.18 4.65 30.12
N LYS B 391 -16.13 5.76 29.34
CA LYS B 391 -16.92 5.90 28.11
C LYS B 391 -16.05 5.63 26.87
N GLU B 392 -16.61 4.95 25.87
CA GLU B 392 -15.92 4.68 24.61
C GLU B 392 -16.08 5.87 23.64
N LEU B 393 -14.97 6.34 23.11
CA LEU B 393 -14.92 7.41 22.12
C LEU B 393 -14.29 6.83 20.85
N ILE B 394 -14.84 7.13 19.69
CA ILE B 394 -14.27 6.70 18.43
C ILE B 394 -12.91 7.40 18.29
N ASN B 395 -11.84 6.65 17.98
CA ASN B 395 -10.51 7.20 17.80
C ASN B 395 -10.43 7.83 16.38
N PHE B 396 -10.72 9.12 16.29
CA PHE B 396 -10.73 9.81 15.00
C PHE B 396 -9.33 10.09 14.47
N SER B 397 -8.35 10.37 15.33
CA SER B 397 -6.99 10.63 14.87
C SER B 397 -6.36 9.49 14.08
N LYS B 398 -6.73 8.25 14.41
CA LYS B 398 -6.30 7.08 13.65
C LYS B 398 -6.83 7.21 12.21
N ARG B 399 -8.10 7.59 12.07
CA ARG B 399 -8.73 7.74 10.77
C ARG B 399 -8.09 8.89 9.99
N ARG B 400 -7.81 10.00 10.68
CA ARG B 400 -7.11 11.13 10.07
C ARG B 400 -5.78 10.70 9.43
N LYS B 401 -4.99 9.90 10.14
CA LYS B 401 -3.71 9.41 9.65
C LYS B 401 -3.86 8.57 8.37
N VAL B 402 -4.93 7.74 8.28
CA VAL B 402 -5.22 6.98 7.07
C VAL B 402 -5.60 7.93 5.94
N ALA B 403 -6.48 8.91 6.22
CA ALA B 403 -6.92 9.87 5.19
C ALA B 403 -5.76 10.73 4.67
N GLU B 404 -4.75 10.96 5.50
CA GLU B 404 -3.55 11.68 5.06
C GLU B 404 -2.76 10.84 4.05
N ILE B 405 -2.72 9.52 4.24
CA ILE B 405 -2.00 8.66 3.29
C ILE B 405 -2.77 8.62 1.98
N THR B 406 -4.08 8.40 2.04
CA THR B 406 -4.90 8.36 0.83
C THR B 406 -4.85 9.70 0.10
N GLY B 407 -4.77 10.80 0.86
CA GLY B 407 -4.64 12.12 0.26
C GLY B 407 -3.34 12.24 -0.50
N GLU B 408 -2.23 11.73 0.08
CA GLU B 408 -0.92 11.74 -0.58
C GLU B 408 -0.93 10.89 -1.88
N ILE B 409 -1.66 9.74 -1.89
CA ILE B 409 -1.81 8.93 -3.09
C ILE B 409 -2.50 9.77 -4.16
N GLN B 410 -3.59 10.42 -3.79
CA GLN B 410 -4.39 11.21 -4.74
C GLN B 410 -3.69 12.39 -5.39
N GLN B 411 -2.72 12.99 -4.70
CA GLN B 411 -2.00 14.16 -5.20
C GLN B 411 -1.18 13.81 -6.45
N TYR B 412 -0.74 12.52 -6.57
CA TYR B 412 -0.02 12.08 -7.76
C TYR B 412 -0.93 11.49 -8.85
N GLN B 413 -2.26 11.45 -8.67
CA GLN B 413 -3.15 10.88 -9.67
C GLN B 413 -3.78 11.91 -10.63
N ASN B 414 -3.49 13.19 -10.49
CA ASN B 414 -4.17 14.20 -11.29
C ASN B 414 -3.45 14.58 -12.58
N GLN B 415 -2.11 14.63 -12.57
CA GLN B 415 -1.31 15.07 -13.71
C GLN B 415 -0.98 13.91 -14.68
N PRO B 416 -1.42 13.98 -15.95
CA PRO B 416 -1.04 12.94 -16.91
C PRO B 416 0.32 13.20 -17.53
N TYR B 417 0.82 12.18 -18.23
CA TYR B 417 2.07 12.23 -18.98
C TYR B 417 1.81 12.77 -20.38
N CYS B 418 2.73 13.59 -20.89
CA CYS B 418 2.62 14.08 -22.26
C CYS B 418 3.37 13.09 -23.17
N LEU B 419 2.75 11.94 -23.39
CA LEU B 419 3.31 10.87 -24.21
C LEU B 419 2.21 10.31 -25.06
N ARG B 420 2.54 9.93 -26.28
CA ARG B 420 1.57 9.33 -27.17
C ARG B 420 1.46 7.82 -26.88
N VAL B 421 0.24 7.33 -26.83
CA VAL B 421 -0.06 5.91 -26.70
C VAL B 421 0.20 5.28 -28.07
N GLU B 422 0.86 4.12 -28.10
CA GLU B 422 1.08 3.32 -29.30
C GLU B 422 0.26 2.06 -28.94
N SER B 423 -0.91 1.91 -29.62
CA SER B 423 -1.88 0.87 -29.34
C SER B 423 -1.37 -0.55 -29.41
N ASP B 424 -0.49 -0.88 -30.36
CA ASP B 424 0.01 -2.26 -30.46
C ASP B 424 1.04 -2.57 -29.36
N ILE B 425 1.92 -1.62 -29.02
CA ILE B 425 2.94 -1.80 -27.99
C ILE B 425 2.22 -1.91 -26.65
N LYS B 426 1.22 -1.03 -26.42
CA LYS B 426 0.38 -1.05 -25.25
C LYS B 426 -0.23 -2.45 -25.06
N ARG B 427 -0.86 -2.97 -26.12
CA ARG B 427 -1.51 -4.28 -26.10
C ARG B 427 -0.52 -5.41 -25.85
N PHE B 428 0.69 -5.33 -26.44
CA PHE B 428 1.74 -6.32 -26.23
C PHE B 428 2.10 -6.39 -24.72
N PHE B 429 2.23 -5.23 -24.04
CA PHE B 429 2.57 -5.22 -22.61
C PHE B 429 1.38 -5.63 -21.74
N GLU B 430 0.14 -5.29 -22.13
CA GLU B 430 -1.06 -5.73 -21.40
C GLU B 430 -1.26 -7.24 -21.45
N ASN B 431 -0.92 -7.90 -22.56
CA ASN B 431 -1.13 -9.34 -22.72
C ASN B 431 0.10 -10.18 -22.38
N LEU B 432 1.22 -9.58 -21.88
CA LEU B 432 2.35 -10.38 -21.43
C LEU B 432 1.87 -11.40 -20.38
N ASN B 433 2.36 -12.61 -20.46
CA ASN B 433 2.00 -13.66 -19.53
C ASN B 433 3.16 -14.64 -19.39
N PRO B 434 4.25 -14.20 -18.72
CA PRO B 434 5.43 -15.08 -18.56
C PRO B 434 5.19 -16.39 -17.83
N MET B 435 4.28 -16.41 -16.85
CA MET B 435 3.99 -17.65 -16.13
C MET B 435 3.21 -18.66 -16.99
N GLY B 436 2.46 -18.19 -17.99
CA GLY B 436 1.61 -19.07 -18.80
C GLY B 436 0.56 -19.70 -17.91
N ASN B 437 0.39 -21.02 -18.01
CA ASN B 437 -0.54 -21.76 -17.15
C ASN B 437 0.08 -22.26 -15.85
N SER B 438 1.35 -21.97 -15.60
CA SER B 438 1.99 -22.49 -14.38
C SER B 438 1.61 -21.76 -13.13
N MET B 439 1.70 -22.46 -12.00
CA MET B 439 1.51 -21.88 -10.69
C MET B 439 2.79 -21.17 -10.32
N GLU B 440 2.68 -20.26 -9.37
CA GLU B 440 3.79 -19.44 -8.92
C GLU B 440 5.07 -20.23 -8.53
N LYS B 441 4.97 -21.23 -7.66
CA LYS B 441 6.13 -22.03 -7.20
C LYS B 441 6.83 -22.74 -8.37
N GLU B 442 6.04 -23.42 -9.19
CA GLU B 442 6.46 -24.14 -10.38
C GLU B 442 7.25 -23.18 -11.31
N PHE B 443 6.69 -22.00 -11.61
CA PHE B 443 7.32 -21.03 -12.50
C PHE B 443 8.64 -20.48 -11.92
N THR B 444 8.61 -20.21 -10.65
CA THR B 444 9.73 -19.66 -9.87
C THR B 444 10.86 -20.71 -9.79
N ASP B 445 10.51 -21.98 -9.60
CA ASP B 445 11.50 -23.09 -9.59
C ASP B 445 12.08 -23.27 -10.97
N TYR B 446 11.27 -23.14 -12.02
CA TYR B 446 11.74 -23.22 -13.42
C TYR B 446 12.75 -22.08 -13.73
N LEU B 447 12.46 -20.84 -13.30
CA LEU B 447 13.40 -19.73 -13.52
C LEU B 447 14.74 -20.01 -12.80
N PHE B 448 14.68 -20.47 -11.55
CA PHE B 448 15.89 -20.75 -10.77
C PHE B 448 16.69 -21.93 -11.37
N ASN B 449 15.99 -22.96 -11.87
CA ASN B 449 16.65 -24.08 -12.53
C ASN B 449 17.27 -23.62 -13.84
N LYS B 450 16.64 -22.67 -14.58
CA LYS B 450 17.27 -22.13 -15.77
C LYS B 450 18.54 -21.36 -15.37
N SER B 451 18.50 -20.60 -14.25
CA SER B 451 19.65 -19.84 -13.79
C SER B 451 20.86 -20.78 -13.52
N LEU B 452 20.63 -21.87 -12.77
CA LEU B 452 21.66 -22.86 -12.45
C LEU B 452 22.20 -23.53 -13.73
N GLU B 453 21.35 -23.75 -14.74
CA GLU B 453 21.79 -24.35 -15.98
C GLU B 453 22.73 -23.40 -16.76
N ILE B 454 22.35 -22.12 -16.89
CA ILE B 454 23.14 -21.18 -17.71
C ILE B 454 24.42 -20.73 -17.02
N GLU B 455 24.43 -20.68 -15.68
CA GLU B 455 25.62 -20.37 -14.90
C GLU B 455 25.67 -21.32 -13.71
N PRO B 456 26.21 -22.54 -13.90
CA PRO B 456 26.28 -23.50 -12.78
C PRO B 456 26.98 -22.98 -11.53
N ARG B 457 26.57 -23.54 -10.41
CA ARG B 457 27.12 -23.20 -9.10
C ARG B 457 28.57 -23.71 -9.07
N ASN B 458 29.51 -22.89 -8.60
CA ASN B 458 30.93 -23.28 -8.53
C ASN B 458 31.11 -24.61 -7.75
N PRO B 459 32.12 -25.44 -8.08
CA PRO B 459 33.17 -25.23 -9.08
C PRO B 459 32.82 -25.77 -10.47
N LYS B 460 31.51 -25.98 -10.79
CA LYS B 460 31.14 -26.49 -12.12
C LYS B 460 31.59 -25.49 -13.20
N PRO B 461 32.22 -26.00 -14.30
CA PRO B 461 32.69 -25.10 -15.36
C PRO B 461 31.54 -24.40 -16.08
N LEU B 462 31.81 -23.23 -16.64
CA LEU B 462 30.79 -22.47 -17.37
C LEU B 462 30.59 -23.05 -18.78
N PRO B 463 29.41 -23.63 -19.11
CA PRO B 463 29.21 -24.10 -20.48
C PRO B 463 28.97 -22.94 -21.44
N ARG B 464 28.94 -23.25 -22.72
CA ARG B 464 28.58 -22.32 -23.77
C ARG B 464 27.25 -22.79 -24.28
N PHE B 465 26.48 -21.88 -24.86
CA PHE B 465 25.15 -22.18 -25.40
C PHE B 465 25.02 -21.50 -26.72
N PRO B 466 24.23 -22.05 -27.65
CA PRO B 466 24.08 -21.37 -28.94
C PRO B 466 23.27 -20.06 -28.85
N LYS B 467 23.49 -19.15 -29.78
CA LYS B 467 22.73 -17.90 -29.88
C LYS B 467 21.29 -18.19 -30.32
N LYS B 468 20.32 -17.39 -29.82
CA LYS B 468 18.89 -17.51 -30.16
C LYS B 468 18.36 -16.32 -30.99
N TYR B 469 19.04 -15.14 -30.98
CA TYR B 469 18.56 -13.97 -31.71
C TYR B 469 19.26 -13.84 -33.06
N SER B 470 18.44 -13.82 -34.14
CA SER B 470 18.94 -13.69 -35.52
C SER B 470 19.10 -12.23 -35.97
N TYR B 471 18.71 -11.25 -35.13
CA TYR B 471 18.81 -9.81 -35.42
C TYR B 471 19.96 -9.17 -34.63
N PRO B 472 20.41 -7.93 -34.94
CA PRO B 472 21.50 -7.33 -34.17
C PRO B 472 21.14 -7.04 -32.70
N LEU B 473 22.13 -7.23 -31.80
CA LEU B 473 21.99 -7.04 -30.36
C LEU B 473 22.29 -5.63 -29.94
N LYS B 474 22.92 -4.84 -30.83
CA LYS B 474 23.32 -3.47 -30.48
C LYS B 474 22.09 -2.64 -30.15
N SER B 475 22.16 -1.88 -29.06
CA SER B 475 21.05 -1.02 -28.65
C SER B 475 21.09 0.27 -29.42
N PRO B 476 19.93 0.89 -29.71
CA PRO B 476 19.94 2.24 -30.28
C PRO B 476 20.19 3.33 -29.22
N GLY B 477 20.26 2.97 -27.94
CA GLY B 477 20.48 3.93 -26.85
C GLY B 477 19.20 4.58 -26.38
N VAL B 478 19.30 5.43 -25.35
CA VAL B 478 18.13 6.06 -24.70
C VAL B 478 17.96 7.54 -25.03
N ARG B 479 18.56 8.01 -26.13
CA ARG B 479 18.43 9.40 -26.57
C ARG B 479 17.47 9.39 -27.76
N PRO B 480 16.45 10.28 -27.81
CA PRO B 480 15.55 10.30 -28.98
C PRO B 480 16.26 10.40 -30.35
N SER B 481 15.71 9.73 -31.37
CA SER B 481 16.28 9.62 -32.71
C SER B 481 16.08 10.85 -33.59
N ASN B 482 15.05 11.66 -33.32
CA ASN B 482 14.74 12.88 -34.09
C ASN B 482 14.46 14.05 -33.14
N PRO B 483 14.64 15.32 -33.59
CA PRO B 483 14.36 16.46 -32.70
C PRO B 483 12.87 16.66 -32.47
N ARG B 484 12.48 17.07 -31.24
CA ARG B 484 11.07 17.31 -30.88
C ARG B 484 10.69 18.76 -31.18
#